data_9JQS
#
_entry.id   9JQS
#
_cell.length_a   56.122
_cell.length_b   90.516
_cell.length_c   121.969
_cell.angle_alpha   90.00
_cell.angle_beta   90.00
_cell.angle_gamma   90.00
#
_symmetry.space_group_name_H-M   'P 21 21 21'
#
loop_
_entity.id
_entity.type
_entity.pdbx_description
1 polymer 'Probable solanesyl-diphosphate synthase 3, chloroplastic'
2 non-polymer 'SULFATE ION'
3 water water
#
_entity_poly.entity_id   1
_entity_poly.type   'polypeptide(L)'
_entity_poly.pdbx_seq_one_letter_code
;SHMSVSSLLEVVADDLLKLNNNLKSLVGAENPVLVSAAEQIFGAGGKRLRPALVFLVSRATAELAGLLELTTEHQRLAEI
IEMIHTASLIHDDVIDDSGMRRGKETIHQLYGTRVAVLAGDFMFAQSSWFLANLENIEVIKLISQVIKDFASGEIKQAST
LFDCDITLDDYLLKSYYKTASLIAASTRSAAIFSGVSTAICEQMYEYGRNLGLSFQVVDDILDFTQSAEQLGKPAGSDLA
KGNLTAPVIFALQDEPQLREIIDSEFSETNSLATAIELVHRSGGIKRAHELAREKGEIAIQSLQCLPRSEFRSTLENMVK
YNLERID
;
_entity_poly.pdbx_strand_id   A,B
#
# COMPACT_ATOMS: atom_id res chain seq x y z
N MET A 3 -32.13 0.16 17.53
CA MET A 3 -32.28 0.15 16.06
C MET A 3 -31.33 -0.85 15.41
N SER A 4 -31.89 -1.90 14.82
CA SER A 4 -31.08 -2.96 14.26
C SER A 4 -30.31 -2.46 13.04
N VAL A 5 -29.12 -3.04 12.83
CA VAL A 5 -28.36 -2.73 11.63
C VAL A 5 -29.06 -3.28 10.40
N SER A 6 -29.71 -4.44 10.53
CA SER A 6 -30.43 -5.01 9.40
C SER A 6 -31.64 -4.17 9.03
N SER A 7 -32.44 -3.77 10.02
CA SER A 7 -33.61 -2.95 9.73
C SER A 7 -33.21 -1.64 9.06
N LEU A 8 -32.08 -1.08 9.50
CA LEU A 8 -31.59 0.17 8.91
C LEU A 8 -31.24 -0.02 7.45
N LEU A 9 -30.64 -1.16 7.09
CA LEU A 9 -30.04 -1.34 5.78
C LEU A 9 -30.89 -2.18 4.84
N GLU A 10 -32.12 -2.53 5.24
CA GLU A 10 -32.93 -3.45 4.45
C GLU A 10 -33.16 -2.94 3.03
N VAL A 11 -33.28 -1.63 2.85
CA VAL A 11 -33.58 -1.11 1.52
C VAL A 11 -32.41 -1.32 0.56
N VAL A 12 -31.21 -1.67 1.07
CA VAL A 12 -30.14 -2.04 0.16
C VAL A 12 -29.61 -3.42 0.52
N ALA A 13 -30.45 -4.24 1.17
CA ALA A 13 -30.00 -5.56 1.64
C ALA A 13 -29.52 -6.42 0.48
N ASP A 14 -30.21 -6.38 -0.67
CA ASP A 14 -29.81 -7.20 -1.80
C ASP A 14 -28.45 -6.75 -2.36
N ASP A 15 -28.21 -5.44 -2.40
CA ASP A 15 -26.90 -4.97 -2.88
C ASP A 15 -25.79 -5.45 -1.96
N LEU A 16 -26.02 -5.40 -0.65
CA LEU A 16 -25.01 -5.82 0.31
C LEU A 16 -24.74 -7.33 0.22
N LEU A 17 -25.79 -8.13 0.00
CA LEU A 17 -25.57 -9.58 -0.07
C LEU A 17 -24.72 -9.93 -1.29
N LYS A 18 -24.97 -9.30 -2.44
CA LYS A 18 -24.10 -9.48 -3.60
C LYS A 18 -22.65 -9.13 -3.25
N LEU A 19 -22.45 -7.97 -2.62
CA LEU A 19 -21.11 -7.53 -2.28
C LEU A 19 -20.41 -8.53 -1.36
N ASN A 20 -21.12 -9.06 -0.36
CA ASN A 20 -20.48 -9.97 0.59
C ASN A 20 -20.07 -11.28 -0.06
N ASN A 21 -20.86 -11.76 -1.03
CA ASN A 21 -20.50 -12.95 -1.81
C ASN A 21 -19.26 -12.72 -2.65
N ASN A 22 -19.06 -11.50 -3.14
CA ASN A 22 -17.96 -11.23 -4.06
C ASN A 22 -16.65 -10.83 -3.38
N LEU A 23 -16.70 -10.43 -2.10
CA LEU A 23 -15.52 -9.84 -1.45
C LEU A 23 -14.35 -10.82 -1.42
N LYS A 24 -14.63 -12.10 -1.12
CA LYS A 24 -13.58 -13.11 -1.05
C LYS A 24 -12.72 -13.13 -2.32
N SER A 25 -13.36 -13.24 -3.48
CA SER A 25 -12.63 -13.43 -4.73
C SER A 25 -11.82 -12.21 -5.14
N LEU A 26 -12.03 -11.05 -4.51
CA LEU A 26 -11.41 -9.84 -5.03
C LEU A 26 -9.96 -9.69 -4.59
N VAL A 27 -9.51 -10.49 -3.63
CA VAL A 27 -8.08 -10.57 -3.34
C VAL A 27 -7.39 -11.56 -4.28
N GLY A 28 -8.13 -12.50 -4.84
CA GLY A 28 -7.58 -13.51 -5.72
C GLY A 28 -7.65 -14.89 -5.09
N ALA A 29 -7.14 -15.87 -5.83
CA ALA A 29 -7.18 -17.28 -5.42
C ALA A 29 -5.80 -17.94 -5.38
N GLU A 30 -4.73 -17.19 -5.63
CA GLU A 30 -3.40 -17.74 -5.93
C GLU A 30 -2.40 -17.68 -4.78
N ASN A 31 -2.59 -16.76 -3.83
CA ASN A 31 -1.70 -16.64 -2.68
C ASN A 31 -2.46 -17.13 -1.46
N PRO A 32 -2.23 -18.36 -1.02
CA PRO A 32 -3.05 -18.90 0.08
C PRO A 32 -2.96 -18.09 1.37
N VAL A 33 -1.76 -17.63 1.75
CA VAL A 33 -1.63 -16.78 2.93
C VAL A 33 -2.42 -15.47 2.74
N LEU A 34 -2.26 -14.84 1.57
CA LEU A 34 -2.98 -13.61 1.31
C LEU A 34 -4.50 -13.84 1.32
N VAL A 35 -4.95 -14.91 0.66
CA VAL A 35 -6.36 -15.31 0.75
C VAL A 35 -6.80 -15.44 2.19
N SER A 36 -6.02 -16.18 3.00
CA SER A 36 -6.42 -16.47 4.36
C SER A 36 -6.44 -15.20 5.20
N ALA A 37 -5.45 -14.32 5.01
CA ALA A 37 -5.43 -13.07 5.75
C ALA A 37 -6.62 -12.18 5.37
N ALA A 38 -7.07 -12.24 4.12
CA ALA A 38 -8.22 -11.44 3.69
C ALA A 38 -9.50 -11.92 4.36
N GLU A 39 -9.73 -13.23 4.35
CA GLU A 39 -10.95 -13.76 4.99
C GLU A 39 -10.97 -13.46 6.48
N GLN A 40 -9.81 -13.39 7.12
CA GLN A 40 -9.75 -13.13 8.54
C GLN A 40 -10.41 -11.79 8.88
N ILE A 41 -10.26 -10.78 8.02
CA ILE A 41 -10.94 -9.51 8.24
C ILE A 41 -12.32 -9.49 7.62
N PHE A 42 -12.45 -9.94 6.36
CA PHE A 42 -13.73 -9.91 5.69
C PHE A 42 -14.78 -10.76 6.41
N GLY A 43 -14.36 -11.82 7.09
CA GLY A 43 -15.29 -12.69 7.80
C GLY A 43 -15.55 -12.35 9.25
N ALA A 44 -14.88 -11.34 9.79
CA ALA A 44 -14.91 -11.04 11.21
C ALA A 44 -16.20 -10.36 11.67
N GLY A 45 -17.08 -9.97 10.76
CA GLY A 45 -18.36 -9.41 11.17
C GLY A 45 -18.46 -7.90 11.19
N GLY A 46 -17.80 -7.21 10.26
CA GLY A 46 -17.97 -5.77 10.15
C GLY A 46 -19.36 -5.39 9.71
N LYS A 47 -19.76 -4.15 10.03
CA LYS A 47 -21.11 -3.70 9.74
C LYS A 47 -21.33 -3.36 8.26
N ARG A 48 -20.25 -3.19 7.49
CA ARG A 48 -20.35 -2.84 6.07
C ARG A 48 -21.15 -1.57 5.88
N LEU A 49 -21.03 -0.63 6.82
CA LEU A 49 -21.71 0.65 6.65
C LEU A 49 -21.19 1.41 5.44
N ARG A 50 -19.90 1.34 5.16
CA ARG A 50 -19.36 2.11 4.03
C ARG A 50 -19.94 1.65 2.69
N PRO A 51 -19.96 0.36 2.35
CA PRO A 51 -20.66 -0.03 1.11
C PRO A 51 -22.15 0.29 1.13
N ALA A 52 -22.79 0.19 2.31
CA ALA A 52 -24.20 0.56 2.39
C ALA A 52 -24.39 2.03 2.02
N LEU A 53 -23.52 2.90 2.52
CA LEU A 53 -23.60 4.31 2.16
C LEU A 53 -23.40 4.49 0.66
N VAL A 54 -22.50 3.71 0.06
CA VAL A 54 -22.29 3.85 -1.38
C VAL A 54 -23.56 3.46 -2.15
N PHE A 55 -24.19 2.34 -1.75
CA PHE A 55 -25.41 1.91 -2.42
C PHE A 55 -26.54 2.93 -2.27
N LEU A 56 -26.73 3.47 -1.07
CA LEU A 56 -27.79 4.43 -0.82
C LEU A 56 -27.59 5.68 -1.67
N VAL A 57 -26.38 6.26 -1.64
CA VAL A 57 -26.15 7.46 -2.41
C VAL A 57 -26.20 7.16 -3.91
N SER A 58 -25.66 6.00 -4.32
CA SER A 58 -25.73 5.57 -5.71
C SER A 58 -27.16 5.58 -6.22
N ARG A 59 -28.07 4.95 -5.47
CA ARG A 59 -29.46 4.83 -5.89
C ARG A 59 -30.19 6.16 -5.83
N ALA A 60 -29.97 6.96 -4.77
CA ALA A 60 -30.60 8.28 -4.69
C ALA A 60 -30.19 9.15 -5.87
N THR A 61 -28.88 9.20 -6.18
CA THR A 61 -28.43 10.09 -7.24
C THR A 61 -28.72 9.51 -8.63
N ALA A 62 -28.73 8.18 -8.77
CA ALA A 62 -29.10 7.58 -10.06
C ALA A 62 -30.53 7.95 -10.45
N GLU A 63 -31.46 7.84 -9.50
CA GLU A 63 -32.84 8.20 -9.79
C GLU A 63 -32.98 9.67 -10.14
N LEU A 64 -32.32 10.55 -9.38
CA LEU A 64 -32.35 11.97 -9.70
C LEU A 64 -31.81 12.25 -11.09
N ALA A 65 -30.85 11.45 -11.56
CA ALA A 65 -30.25 11.68 -12.87
C ALA A 65 -31.03 11.06 -14.02
N GLY A 66 -32.00 10.18 -13.73
CA GLY A 66 -32.75 9.51 -14.77
C GLY A 66 -32.21 8.14 -15.16
N LEU A 67 -31.32 7.57 -14.37
CA LEU A 67 -30.77 6.26 -14.72
C LEU A 67 -31.78 5.16 -14.45
N LEU A 68 -31.67 4.08 -15.22
CA LEU A 68 -32.59 2.93 -15.12
C LEU A 68 -32.27 2.05 -13.92
N GLU A 69 -31.05 1.52 -13.87
CA GLU A 69 -30.63 0.73 -12.73
C GLU A 69 -29.25 1.21 -12.29
N LEU A 70 -28.71 0.57 -11.27
CA LEU A 70 -27.37 0.89 -10.78
C LEU A 70 -26.33 0.38 -11.77
N THR A 71 -25.31 1.19 -12.01
CA THR A 71 -24.26 0.80 -12.94
C THR A 71 -23.31 -0.18 -12.28
N THR A 72 -22.57 -0.91 -13.12
CA THR A 72 -21.52 -1.79 -12.61
C THR A 72 -20.45 -0.98 -11.88
N GLU A 73 -20.24 0.27 -12.29
CA GLU A 73 -19.29 1.12 -11.59
C GLU A 73 -19.74 1.40 -10.17
N HIS A 74 -21.05 1.63 -9.97
CA HIS A 74 -21.56 1.80 -8.61
C HIS A 74 -21.26 0.58 -7.77
N GLN A 75 -21.49 -0.60 -8.34
CA GLN A 75 -21.34 -1.83 -7.55
C GLN A 75 -19.88 -2.10 -7.25
N ARG A 76 -18.99 -1.87 -8.23
CA ARG A 76 -17.57 -2.10 -7.95
C ARG A 76 -17.02 -1.08 -6.96
N LEU A 77 -17.46 0.18 -7.08
CA LEU A 77 -17.08 1.22 -6.12
C LEU A 77 -17.32 0.77 -4.68
N ALA A 78 -18.52 0.24 -4.41
CA ALA A 78 -18.85 -0.22 -3.08
C ALA A 78 -17.85 -1.26 -2.57
N GLU A 79 -17.48 -2.21 -3.42
CA GLU A 79 -16.51 -3.24 -3.03
C GLU A 79 -15.13 -2.63 -2.77
N ILE A 80 -14.71 -1.70 -3.62
CA ILE A 80 -13.41 -1.04 -3.46
C ILE A 80 -13.38 -0.26 -2.14
N ILE A 81 -14.46 0.43 -1.80
CA ILE A 81 -14.45 1.21 -0.56
C ILE A 81 -14.26 0.28 0.64
N GLU A 82 -14.94 -0.87 0.67
CA GLU A 82 -14.74 -1.79 1.78
C GLU A 82 -13.34 -2.39 1.79
N MET A 83 -12.75 -2.60 0.61
CA MET A 83 -11.37 -3.09 0.57
C MET A 83 -10.38 -2.05 1.09
N ILE A 84 -10.56 -0.78 0.73
CA ILE A 84 -9.67 0.25 1.26
C ILE A 84 -9.81 0.35 2.77
N HIS A 85 -11.06 0.34 3.24
CA HIS A 85 -11.31 0.35 4.66
C HIS A 85 -10.60 -0.81 5.34
N THR A 86 -10.66 -2.00 4.73
CA THR A 86 -10.02 -3.19 5.29
C THR A 86 -8.51 -3.05 5.33
N ALA A 87 -7.91 -2.54 4.26
CA ALA A 87 -6.46 -2.39 4.23
C ALA A 87 -6.01 -1.40 5.29
N SER A 88 -6.80 -0.34 5.53
CA SER A 88 -6.42 0.63 6.55
C SER A 88 -6.56 0.06 7.96
N LEU A 89 -7.53 -0.84 8.18
CA LEU A 89 -7.61 -1.52 9.47
C LEU A 89 -6.41 -2.42 9.70
N ILE A 90 -5.94 -3.07 8.65
CA ILE A 90 -4.81 -3.99 8.79
C ILE A 90 -3.57 -3.20 9.19
N HIS A 91 -3.32 -2.08 8.52
CA HIS A 91 -2.17 -1.29 8.92
C HIS A 91 -2.37 -0.62 10.28
N ASP A 92 -3.60 -0.22 10.62
CA ASP A 92 -3.83 0.39 11.92
C ASP A 92 -3.57 -0.59 13.06
N ASP A 93 -3.89 -1.87 12.85
CA ASP A 93 -3.59 -2.89 13.86
C ASP A 93 -2.09 -3.08 14.05
N VAL A 94 -1.33 -3.07 12.95
CA VAL A 94 0.12 -3.16 13.03
C VAL A 94 0.67 -1.98 13.85
N ILE A 95 0.23 -0.76 13.52
CA ILE A 95 0.76 0.44 14.16
C ILE A 95 0.37 0.50 15.63
N ASP A 96 -0.90 0.20 15.93
CA ASP A 96 -1.38 0.16 17.31
C ASP A 96 -0.90 -1.07 18.07
N ASP A 97 -0.29 -2.04 17.38
CA ASP A 97 0.06 -3.34 17.95
C ASP A 97 -1.13 -3.97 18.67
N SER A 98 -2.31 -3.83 18.06
CA SER A 98 -3.49 -4.49 18.60
C SER A 98 -3.44 -5.98 18.29
N GLY A 99 -3.82 -6.79 19.28
CA GLY A 99 -3.75 -8.23 19.12
C GLY A 99 -5.06 -8.87 18.74
N MET A 100 -6.14 -8.11 18.81
CA MET A 100 -7.48 -8.63 18.57
C MET A 100 -8.31 -7.61 17.80
N ARG A 101 -9.16 -8.11 16.91
CA ARG A 101 -10.14 -7.27 16.22
C ARG A 101 -11.39 -8.11 15.99
N ARG A 102 -12.45 -7.82 16.76
CA ARG A 102 -13.71 -8.56 16.71
C ARG A 102 -13.51 -10.04 17.09
N GLY A 103 -12.96 -10.24 18.28
CA GLY A 103 -12.84 -11.57 18.85
C GLY A 103 -11.76 -12.45 18.23
N LYS A 104 -11.34 -12.12 17.01
CA LYS A 104 -10.35 -12.88 16.27
C LYS A 104 -8.99 -12.20 16.34
N GLU A 105 -7.95 -12.97 16.04
CA GLU A 105 -6.60 -12.43 16.04
C GLU A 105 -6.36 -11.58 14.80
N THR A 106 -5.48 -10.59 14.95
CA THR A 106 -5.20 -9.70 13.85
C THR A 106 -4.21 -10.36 12.89
N ILE A 107 -4.13 -9.82 11.68
CA ILE A 107 -3.26 -10.41 10.66
C ILE A 107 -1.83 -10.47 11.15
N HIS A 108 -1.36 -9.41 11.80
CA HIS A 108 0.06 -9.45 12.18
C HIS A 108 0.31 -10.43 13.31
N GLN A 109 -0.67 -10.69 14.17
CA GLN A 109 -0.51 -11.71 15.19
C GLN A 109 -0.35 -13.09 14.55
N LEU A 110 -1.16 -13.39 13.55
CA LEU A 110 -1.08 -14.68 12.88
C LEU A 110 0.18 -14.81 12.05
N TYR A 111 0.57 -13.76 11.32
CA TYR A 111 1.58 -13.93 10.29
C TYR A 111 2.81 -13.04 10.45
N GLY A 112 2.85 -12.22 11.48
CA GLY A 112 3.98 -11.33 11.69
C GLY A 112 3.77 -9.99 11.03
N THR A 113 4.50 -9.00 11.53
CA THR A 113 4.30 -7.62 11.07
C THR A 113 4.55 -7.47 9.58
N ARG A 114 5.61 -8.11 9.06
CA ARG A 114 5.97 -7.92 7.67
C ARG A 114 4.86 -8.39 6.75
N VAL A 115 4.32 -9.58 7.00
CA VAL A 115 3.27 -10.10 6.13
C VAL A 115 2.01 -9.24 6.22
N ALA A 116 1.67 -8.77 7.43
CA ALA A 116 0.51 -7.91 7.57
C ALA A 116 0.69 -6.59 6.82
N VAL A 117 1.90 -6.03 6.85
CA VAL A 117 2.14 -4.80 6.10
C VAL A 117 2.01 -5.06 4.60
N LEU A 118 2.61 -6.14 4.12
CA LEU A 118 2.52 -6.47 2.69
C LEU A 118 1.09 -6.72 2.26
N ALA A 119 0.30 -7.38 3.12
CA ALA A 119 -1.10 -7.63 2.79
C ALA A 119 -1.86 -6.32 2.62
N GLY A 120 -1.65 -5.37 3.53
CA GLY A 120 -2.26 -4.05 3.36
C GLY A 120 -1.77 -3.33 2.12
N ASP A 121 -0.46 -3.41 1.84
CA ASP A 121 0.10 -2.87 0.60
C ASP A 121 -0.63 -3.43 -0.62
N PHE A 122 -0.82 -4.75 -0.63
CA PHE A 122 -1.53 -5.41 -1.70
C PHE A 122 -2.95 -4.87 -1.83
N MET A 123 -3.65 -4.73 -0.69
CA MET A 123 -5.05 -4.37 -0.80
C MET A 123 -5.25 -2.91 -1.22
N PHE A 124 -4.33 -2.01 -0.84
CA PHE A 124 -4.37 -0.65 -1.35
C PHE A 124 -4.10 -0.63 -2.85
N ALA A 125 -3.14 -1.41 -3.31
CA ALA A 125 -2.81 -1.45 -4.73
C ALA A 125 -3.92 -2.12 -5.52
N GLN A 126 -4.47 -3.21 -4.98
CA GLN A 126 -5.60 -3.87 -5.61
C GLN A 126 -6.80 -2.92 -5.74
N SER A 127 -7.03 -2.11 -4.71
CA SER A 127 -8.13 -1.15 -4.75
C SER A 127 -7.93 -0.13 -5.86
N SER A 128 -6.74 0.45 -5.94
CA SER A 128 -6.42 1.42 -6.99
C SER A 128 -6.56 0.79 -8.37
N TRP A 129 -6.15 -0.46 -8.50
CA TRP A 129 -6.17 -1.14 -9.78
C TRP A 129 -7.60 -1.39 -10.24
N PHE A 130 -8.45 -1.88 -9.35
CA PHE A 130 -9.87 -2.02 -9.66
C PHE A 130 -10.49 -0.67 -10.03
N LEU A 131 -10.14 0.39 -9.28
CA LEU A 131 -10.72 1.71 -9.52
C LEU A 131 -10.28 2.28 -10.86
N ALA A 132 -9.00 2.11 -11.20
CA ALA A 132 -8.53 2.55 -12.51
C ALA A 132 -9.33 1.87 -13.62
N ASN A 133 -9.69 0.60 -13.44
CA ASN A 133 -10.47 -0.12 -14.43
C ASN A 133 -11.91 0.35 -14.50
N LEU A 134 -12.34 1.26 -13.62
CA LEU A 134 -13.63 1.92 -13.80
C LEU A 134 -13.53 3.16 -14.68
N GLU A 135 -12.33 3.58 -15.04
CA GLU A 135 -12.04 4.55 -16.10
C GLU A 135 -12.47 5.97 -15.79
N ASN A 136 -12.81 6.31 -14.55
CA ASN A 136 -13.21 7.66 -14.22
C ASN A 136 -12.08 8.34 -13.46
N ILE A 137 -11.44 9.32 -14.11
CA ILE A 137 -10.21 9.89 -13.56
C ILE A 137 -10.50 10.77 -12.35
N GLU A 138 -11.66 11.44 -12.32
CA GLU A 138 -11.99 12.25 -11.15
C GLU A 138 -12.05 11.39 -9.88
N VAL A 139 -12.72 10.24 -9.96
CA VAL A 139 -12.81 9.35 -8.81
C VAL A 139 -11.45 8.77 -8.49
N ILE A 140 -10.65 8.49 -9.51
CA ILE A 140 -9.31 7.93 -9.28
C ILE A 140 -8.48 8.90 -8.45
N LYS A 141 -8.53 10.19 -8.78
CA LYS A 141 -7.75 11.19 -8.05
C LYS A 141 -8.30 11.41 -6.64
N LEU A 142 -9.63 11.39 -6.49
CA LEU A 142 -10.24 11.50 -5.16
C LEU A 142 -9.75 10.40 -4.24
N ILE A 143 -9.82 9.16 -4.71
CA ILE A 143 -9.47 8.06 -3.83
C ILE A 143 -7.97 8.00 -3.57
N SER A 144 -7.14 8.37 -4.55
CA SER A 144 -5.70 8.41 -4.28
C SER A 144 -5.37 9.45 -3.21
N GLN A 145 -6.18 10.50 -3.10
CA GLN A 145 -5.99 11.45 -2.01
C GLN A 145 -6.39 10.82 -0.68
N VAL A 146 -7.48 10.04 -0.68
CA VAL A 146 -7.89 9.32 0.54
C VAL A 146 -6.75 8.43 1.06
N ILE A 147 -6.11 7.67 0.18
CA ILE A 147 -5.09 6.73 0.64
C ILE A 147 -3.87 7.48 1.20
N LYS A 148 -3.52 8.60 0.58
CA LYS A 148 -2.48 9.45 1.17
C LYS A 148 -2.93 9.99 2.52
N ASP A 149 -4.21 10.40 2.63
CA ASP A 149 -4.72 10.93 3.89
C ASP A 149 -4.57 9.92 5.00
N PHE A 150 -4.82 8.64 4.71
CA PHE A 150 -4.64 7.63 5.74
C PHE A 150 -3.20 7.64 6.25
N ALA A 151 -2.24 7.65 5.34
CA ALA A 151 -0.83 7.68 5.74
C ALA A 151 -0.49 8.98 6.49
N SER A 152 -0.95 10.14 6.00
CA SER A 152 -0.73 11.39 6.73
C SER A 152 -1.33 11.31 8.14
N GLY A 153 -2.54 10.78 8.26
CA GLY A 153 -3.15 10.62 9.57
C GLY A 153 -2.35 9.72 10.48
N GLU A 154 -1.88 8.58 9.95
CA GLU A 154 -1.15 7.63 10.79
C GLU A 154 0.14 8.25 11.31
N ILE A 155 0.83 9.03 10.47
CA ILE A 155 2.06 9.70 10.91
C ILE A 155 1.75 10.75 11.97
N LYS A 156 0.72 11.58 11.74
CA LYS A 156 0.35 12.57 12.75
C LYS A 156 -0.03 11.90 14.06
N GLN A 157 -0.79 10.81 13.99
CA GLN A 157 -1.21 10.09 15.18
C GLN A 157 0.00 9.56 15.96
N ALA A 158 0.95 8.95 15.25
CA ALA A 158 2.11 8.39 15.93
C ALA A 158 3.03 9.48 16.47
N SER A 159 3.02 10.68 15.87
CA SER A 159 3.85 11.78 16.33
C SER A 159 3.25 12.54 17.50
N THR A 160 2.02 12.24 17.90
CA THR A 160 1.36 12.99 18.96
C THR A 160 0.85 12.10 20.09
N LEU A 161 1.37 10.89 20.22
CA LEU A 161 0.90 10.01 21.27
C LEU A 161 1.18 10.62 22.65
N PHE A 162 0.20 10.53 23.54
CA PHE A 162 0.28 11.04 24.92
C PHE A 162 0.42 12.56 24.97
N ASP A 163 0.15 13.28 23.88
CA ASP A 163 0.35 14.73 23.85
C ASP A 163 -0.94 15.45 24.25
N CYS A 164 -0.97 15.96 25.49
CA CYS A 164 -2.19 16.58 25.98
C CYS A 164 -2.38 18.01 25.49
N ASP A 165 -1.44 18.56 24.73
CA ASP A 165 -1.68 19.85 24.10
C ASP A 165 -2.48 19.74 22.80
N ILE A 166 -2.92 18.53 22.43
CA ILE A 166 -3.67 18.36 21.18
C ILE A 166 -4.95 19.19 21.24
N THR A 167 -5.24 19.92 20.17
CA THR A 167 -6.46 20.70 20.06
C THR A 167 -7.59 19.86 19.48
N LEU A 168 -8.82 20.31 19.73
CA LEU A 168 -9.97 19.67 19.11
C LEU A 168 -9.90 19.76 17.58
N ASP A 169 -9.35 20.85 17.05
CA ASP A 169 -9.25 20.95 15.60
C ASP A 169 -8.32 19.88 15.04
N ASP A 170 -7.20 19.63 15.72
CA ASP A 170 -6.32 18.56 15.27
C ASP A 170 -6.95 17.18 15.44
N TYR A 171 -7.77 17.00 16.48
CA TYR A 171 -8.44 15.72 16.64
C TYR A 171 -9.44 15.49 15.50
N LEU A 172 -10.13 16.54 15.06
CA LEU A 172 -11.08 16.37 13.97
C LEU A 172 -10.37 16.15 12.64
N LEU A 173 -9.21 16.79 12.46
CA LEU A 173 -8.38 16.53 11.27
C LEU A 173 -7.89 15.09 11.24
N LYS A 174 -7.36 14.61 12.37
CA LYS A 174 -6.95 13.20 12.46
C LYS A 174 -8.13 12.29 12.19
N SER A 175 -9.30 12.64 12.72
CA SER A 175 -10.49 11.82 12.52
C SER A 175 -10.92 11.83 11.06
N TYR A 176 -10.74 12.96 10.37
CA TYR A 176 -10.96 13.01 8.92
C TYR A 176 -10.00 12.09 8.19
N TYR A 177 -8.69 12.19 8.49
CA TYR A 177 -7.70 11.34 7.84
C TYR A 177 -7.98 9.87 8.05
N LYS A 178 -8.36 9.50 9.27
CA LYS A 178 -8.52 8.09 9.65
C LYS A 178 -9.80 7.50 9.08
N THR A 179 -10.88 8.29 9.03
CA THR A 179 -12.22 7.73 8.82
C THR A 179 -13.09 8.52 7.85
N ALA A 180 -13.23 9.83 8.04
CA ALA A 180 -14.25 10.57 7.30
C ALA A 180 -13.81 10.89 5.88
N SER A 181 -12.52 11.00 5.62
CA SER A 181 -12.05 11.26 4.25
C SER A 181 -12.51 10.16 3.30
N LEU A 182 -12.35 8.90 3.71
CA LEU A 182 -12.79 7.79 2.85
C LEU A 182 -14.31 7.84 2.65
N ILE A 183 -15.06 8.15 3.70
CA ILE A 183 -16.51 8.14 3.56
C ILE A 183 -16.98 9.31 2.71
N ALA A 184 -16.44 10.50 2.95
CA ALA A 184 -16.78 11.64 2.09
C ALA A 184 -16.46 11.35 0.62
N ALA A 185 -15.31 10.74 0.35
CA ALA A 185 -14.96 10.46 -1.04
C ALA A 185 -15.84 9.36 -1.62
N SER A 186 -16.27 8.39 -0.81
CA SER A 186 -17.10 7.33 -1.36
C SER A 186 -18.48 7.87 -1.75
N THR A 187 -19.03 8.79 -0.98
CA THR A 187 -20.36 9.31 -1.32
C THR A 187 -20.29 10.31 -2.48
N ARG A 188 -19.23 11.12 -2.53
CA ARG A 188 -19.02 11.93 -3.72
C ARG A 188 -18.81 11.04 -4.96
N SER A 189 -18.02 9.97 -4.83
CA SER A 189 -17.80 9.12 -6.00
C SER A 189 -19.09 8.46 -6.47
N ALA A 190 -19.96 8.08 -5.54
CA ALA A 190 -21.22 7.46 -5.95
C ALA A 190 -22.07 8.43 -6.75
N ALA A 191 -22.07 9.71 -6.35
CA ALA A 191 -22.79 10.74 -7.11
C ALA A 191 -22.15 10.96 -8.48
N ILE A 192 -20.81 10.95 -8.54
CA ILE A 192 -20.11 11.13 -9.80
C ILE A 192 -20.52 10.06 -10.80
N PHE A 193 -20.53 8.79 -10.37
CA PHE A 193 -20.92 7.71 -11.26
C PHE A 193 -22.40 7.78 -11.65
N SER A 194 -23.21 8.54 -10.94
CA SER A 194 -24.59 8.75 -11.37
C SER A 194 -24.73 9.94 -12.31
N GLY A 195 -23.70 10.77 -12.45
CA GLY A 195 -23.75 11.86 -13.41
C GLY A 195 -24.57 13.05 -12.98
N VAL A 196 -24.76 13.24 -11.67
CA VAL A 196 -25.51 14.37 -11.17
C VAL A 196 -24.58 15.57 -11.11
N SER A 197 -25.11 16.71 -10.71
CA SER A 197 -24.41 17.97 -10.87
C SER A 197 -23.21 18.06 -9.94
N THR A 198 -22.27 18.95 -10.30
CA THR A 198 -21.16 19.25 -9.40
C THR A 198 -21.68 19.68 -8.03
N ALA A 199 -22.75 20.48 -8.01
CA ALA A 199 -23.29 20.95 -6.75
C ALA A 199 -23.80 19.81 -5.88
N ILE A 200 -24.49 18.84 -6.47
CA ILE A 200 -24.99 17.72 -5.67
C ILE A 200 -23.84 16.81 -5.25
N CYS A 201 -22.86 16.63 -6.14
CA CYS A 201 -21.67 15.86 -5.82
C CYS A 201 -20.98 16.42 -4.59
N GLU A 202 -20.87 17.75 -4.50
CA GLU A 202 -20.20 18.40 -3.37
C GLU A 202 -21.03 18.27 -2.10
N GLN A 203 -22.35 18.35 -2.23
CA GLN A 203 -23.22 18.10 -1.08
C GLN A 203 -23.05 16.67 -0.58
N MET A 204 -22.86 15.71 -1.49
CA MET A 204 -22.70 14.32 -1.06
C MET A 204 -21.36 14.12 -0.35
N TYR A 205 -20.31 14.80 -0.84
CA TYR A 205 -19.04 14.79 -0.13
C TYR A 205 -19.20 15.27 1.31
N GLU A 206 -19.98 16.35 1.50
CA GLU A 206 -20.13 16.93 2.83
C GLU A 206 -21.01 16.09 3.73
N TYR A 207 -22.04 15.44 3.18
CA TYR A 207 -22.76 14.42 3.94
C TYR A 207 -21.81 13.35 4.46
N GLY A 208 -21.00 12.78 3.56
CA GLY A 208 -20.10 11.71 3.98
C GLY A 208 -19.06 12.18 4.98
N ARG A 209 -18.55 13.41 4.80
CA ARG A 209 -17.55 13.94 5.72
C ARG A 209 -18.10 14.05 7.12
N ASN A 210 -19.27 14.68 7.24
CA ASN A 210 -19.80 14.95 8.57
C ASN A 210 -20.37 13.69 9.21
N LEU A 211 -20.95 12.79 8.42
CA LEU A 211 -21.37 11.51 8.98
C LEU A 211 -20.16 10.71 9.43
N GLY A 212 -19.08 10.72 8.64
CA GLY A 212 -17.88 10.01 9.06
C GLY A 212 -17.31 10.56 10.35
N LEU A 213 -17.26 11.89 10.48
CA LEU A 213 -16.79 12.51 11.71
C LEU A 213 -17.70 12.16 12.89
N SER A 214 -19.02 12.18 12.67
CA SER A 214 -19.93 11.77 13.72
C SER A 214 -19.74 10.28 14.07
N PHE A 215 -19.52 9.43 13.06
CA PHE A 215 -19.19 8.02 13.29
C PHE A 215 -17.99 7.88 14.21
N GLN A 216 -16.91 8.60 13.91
CA GLN A 216 -15.68 8.41 14.66
C GLN A 216 -15.80 8.98 16.06
N VAL A 217 -16.51 10.09 16.23
CA VAL A 217 -16.67 10.63 17.57
C VAL A 217 -17.41 9.62 18.45
N VAL A 218 -18.51 9.05 17.94
CA VAL A 218 -19.27 8.05 18.70
C VAL A 218 -18.41 6.81 18.97
N ASP A 219 -17.62 6.36 18.00
CA ASP A 219 -16.69 5.25 18.26
C ASP A 219 -15.76 5.56 19.42
N ASP A 220 -15.25 6.80 19.47
CA ASP A 220 -14.30 7.16 20.51
C ASP A 220 -14.99 7.25 21.86
N ILE A 221 -16.26 7.69 21.89
CA ILE A 221 -17.04 7.64 23.11
C ILE A 221 -17.20 6.20 23.60
N LEU A 222 -17.57 5.30 22.68
CA LEU A 222 -17.88 3.93 23.06
C LEU A 222 -16.66 3.19 23.62
N ASP A 223 -15.44 3.63 23.26
CA ASP A 223 -14.25 3.05 23.87
C ASP A 223 -14.24 3.21 25.39
N PHE A 224 -14.97 4.20 25.90
CA PHE A 224 -15.10 4.45 27.33
C PHE A 224 -16.35 3.81 27.92
N THR A 225 -17.49 3.96 27.23
CA THR A 225 -18.80 3.73 27.85
C THR A 225 -19.31 2.30 27.74
N GLN A 226 -18.73 1.46 26.90
CA GLN A 226 -19.24 0.10 26.73
C GLN A 226 -18.29 -0.90 27.38
N SER A 227 -18.86 -2.04 27.77
CA SER A 227 -18.16 -3.00 28.62
C SER A 227 -16.92 -3.57 27.91
N ALA A 228 -16.07 -4.20 28.72
CA ALA A 228 -14.73 -4.60 28.27
C ALA A 228 -14.73 -5.76 27.28
N GLU A 229 -15.82 -6.52 27.14
CA GLU A 229 -15.93 -7.44 26.02
C GLU A 229 -17.09 -7.11 25.09
N GLN A 230 -17.99 -6.21 25.47
CA GLN A 230 -18.81 -5.57 24.46
C GLN A 230 -17.97 -4.80 23.45
N LEU A 231 -16.69 -4.55 23.77
CA LEU A 231 -15.70 -4.06 22.84
C LEU A 231 -14.61 -5.09 22.53
N GLY A 232 -14.47 -6.13 23.35
CA GLY A 232 -13.34 -7.03 23.25
C GLY A 232 -12.12 -6.45 23.94
N LYS A 233 -11.73 -5.24 23.53
CA LYS A 233 -10.72 -4.49 24.23
C LYS A 233 -11.28 -3.99 25.57
N PRO A 234 -10.43 -3.84 26.58
CA PRO A 234 -10.87 -3.18 27.81
C PRO A 234 -11.23 -1.72 27.53
N ALA A 235 -12.08 -1.16 28.40
CA ALA A 235 -12.48 0.23 28.23
C ALA A 235 -11.28 1.15 28.32
N GLY A 236 -11.30 2.23 27.53
CA GLY A 236 -10.20 3.18 27.52
C GLY A 236 -8.97 2.72 26.77
N SER A 237 -9.10 1.75 25.86
CA SER A 237 -7.94 1.23 25.13
C SER A 237 -7.23 2.31 24.31
N ASP A 238 -7.99 3.22 23.69
CA ASP A 238 -7.36 4.31 22.95
C ASP A 238 -6.54 5.19 23.88
N LEU A 239 -7.16 5.64 24.97
CA LEU A 239 -6.45 6.43 25.97
C LEU A 239 -5.16 5.75 26.42
N ALA A 240 -5.24 4.47 26.77
CA ALA A 240 -4.08 3.77 27.35
C ALA A 240 -2.90 3.73 26.39
N LYS A 241 -3.16 3.72 25.09
CA LYS A 241 -2.08 3.77 24.12
C LYS A 241 -1.69 5.18 23.73
N GLY A 242 -2.29 6.18 24.38
CA GLY A 242 -1.94 7.56 24.14
C GLY A 242 -2.72 8.25 23.05
N ASN A 243 -3.73 7.59 22.47
CA ASN A 243 -4.57 8.22 21.45
C ASN A 243 -5.66 8.98 22.20
N LEU A 244 -5.50 10.30 22.27
CA LEU A 244 -6.41 11.14 23.04
C LEU A 244 -7.55 11.58 22.15
N THR A 245 -8.76 11.17 22.49
CA THR A 245 -9.92 11.42 21.66
C THR A 245 -10.77 12.50 22.29
N ALA A 246 -11.88 12.83 21.62
CA ALA A 246 -12.71 13.96 22.04
C ALA A 246 -13.10 13.93 23.52
N PRO A 247 -13.55 12.81 24.10
CA PRO A 247 -13.89 12.84 25.53
C PRO A 247 -12.72 13.25 26.39
N VAL A 248 -11.50 12.80 26.06
CA VAL A 248 -10.31 13.14 26.83
C VAL A 248 -9.93 14.61 26.64
N ILE A 249 -10.01 15.10 25.40
CA ILE A 249 -9.70 16.50 25.11
C ILE A 249 -10.61 17.42 25.92
N PHE A 250 -11.91 17.17 25.88
CA PHE A 250 -12.82 17.94 26.73
C PHE A 250 -12.52 17.74 28.21
N ALA A 251 -12.25 16.50 28.64
CA ALA A 251 -11.99 16.25 30.06
C ALA A 251 -10.76 17.03 30.53
N LEU A 252 -9.74 17.13 29.69
CA LEU A 252 -8.52 17.84 30.06
C LEU A 252 -8.77 19.30 30.41
N GLN A 253 -9.88 19.88 29.96
CA GLN A 253 -10.18 21.28 30.26
C GLN A 253 -10.66 21.46 31.70
N ASP A 254 -11.13 20.39 32.35
CA ASP A 254 -11.66 20.46 33.70
C ASP A 254 -10.90 19.61 34.72
N GLU A 255 -10.15 18.60 34.27
CA GLU A 255 -9.45 17.68 35.15
C GLU A 255 -7.97 17.68 34.79
N PRO A 256 -7.20 18.64 35.32
CA PRO A 256 -5.78 18.76 34.92
C PRO A 256 -4.90 17.62 35.42
N GLN A 257 -5.34 16.84 36.40
CA GLN A 257 -4.59 15.65 36.79
C GLN A 257 -4.51 14.63 35.65
N LEU A 258 -5.51 14.65 34.75
CA LEU A 258 -5.46 13.79 33.57
C LEU A 258 -4.14 13.99 32.83
N ARG A 259 -3.69 15.23 32.72
CA ARG A 259 -2.44 15.53 32.05
C ARG A 259 -1.26 14.83 32.70
N GLU A 260 -1.17 14.88 34.05
CA GLU A 260 -0.12 14.19 34.76
C GLU A 260 -0.15 12.68 34.50
N ILE A 261 -1.33 12.08 34.53
CA ILE A 261 -1.40 10.64 34.32
C ILE A 261 -1.01 10.31 32.88
N ILE A 262 -1.51 11.07 31.91
CA ILE A 262 -1.25 10.75 30.51
C ILE A 262 0.23 10.96 30.20
N ASP A 263 0.81 12.07 30.64
CA ASP A 263 2.25 12.28 30.47
C ASP A 263 3.07 11.12 31.06
N SER A 264 2.63 10.56 32.18
CA SER A 264 3.34 9.44 32.76
C SER A 264 3.23 8.18 31.93
N GLU A 265 2.43 8.19 30.86
CA GLU A 265 2.13 6.98 30.09
C GLU A 265 1.59 5.90 31.00
N PHE A 266 0.83 6.30 32.02
CA PHE A 266 0.21 5.36 32.94
C PHE A 266 1.26 4.44 33.56
N SER A 267 2.41 5.03 33.94
CA SER A 267 3.52 4.26 34.46
C SER A 267 3.23 3.66 35.83
N GLU A 268 2.09 3.97 36.42
CA GLU A 268 1.80 3.63 37.79
C GLU A 268 0.51 2.82 37.84
N THR A 269 0.44 1.89 38.79
CA THR A 269 -0.65 0.92 38.85
C THR A 269 -1.99 1.61 39.06
N ASN A 270 -2.99 1.18 38.30
CA ASN A 270 -4.36 1.70 38.35
C ASN A 270 -4.47 3.18 37.97
N SER A 271 -3.40 3.77 37.43
CA SER A 271 -3.50 5.14 36.96
C SER A 271 -4.43 5.25 35.75
N LEU A 272 -4.51 4.19 34.93
CA LEU A 272 -5.45 4.21 33.82
C LEU A 272 -6.89 4.19 34.33
N ALA A 273 -7.17 3.36 35.34
CA ALA A 273 -8.47 3.40 35.99
C ALA A 273 -8.76 4.79 36.53
N THR A 274 -7.76 5.42 37.17
CA THR A 274 -7.93 6.77 37.69
C THR A 274 -8.29 7.75 36.58
N ALA A 275 -7.58 7.66 35.46
CA ALA A 275 -7.83 8.58 34.35
C ALA A 275 -9.24 8.40 33.81
N ILE A 276 -9.68 7.15 33.64
CA ILE A 276 -11.00 6.89 33.08
C ILE A 276 -12.08 7.44 34.00
N GLU A 277 -11.90 7.32 35.31
CA GLU A 277 -12.84 7.96 36.23
C GLU A 277 -12.83 9.47 36.06
N LEU A 278 -11.66 10.07 35.85
CA LEU A 278 -11.62 11.53 35.62
C LEU A 278 -12.37 11.90 34.35
N VAL A 279 -12.27 11.06 33.31
CA VAL A 279 -13.01 11.38 32.08
C VAL A 279 -14.50 11.37 32.35
N HIS A 280 -14.98 10.36 33.09
CA HIS A 280 -16.40 10.26 33.43
C HIS A 280 -16.83 11.42 34.33
N ARG A 281 -16.01 11.75 35.34
CA ARG A 281 -16.30 12.88 36.23
C ARG A 281 -16.54 14.17 35.45
N SER A 282 -15.73 14.42 34.44
CA SER A 282 -15.81 15.70 33.72
C SER A 282 -17.09 15.78 32.90
N GLY A 283 -17.23 16.88 32.17
CA GLY A 283 -18.34 16.94 31.24
C GLY A 283 -18.01 16.27 29.92
N GLY A 284 -16.93 15.49 29.88
CA GLY A 284 -16.27 15.19 28.62
C GLY A 284 -17.12 14.35 27.67
N ILE A 285 -17.65 13.23 28.17
CA ILE A 285 -18.40 12.31 27.34
C ILE A 285 -19.67 13.00 26.80
N LYS A 286 -20.32 13.78 27.65
CA LYS A 286 -21.48 14.54 27.21
C LYS A 286 -21.11 15.57 26.16
N ARG A 287 -19.95 16.24 26.32
CA ARG A 287 -19.55 17.22 25.33
C ARG A 287 -19.13 16.56 24.02
N ALA A 288 -18.53 15.36 24.10
CA ALA A 288 -18.22 14.65 22.87
C ALA A 288 -19.50 14.23 22.14
N HIS A 289 -20.55 13.87 22.90
CA HIS A 289 -21.80 13.47 22.27
C HIS A 289 -22.45 14.62 21.52
N GLU A 290 -22.44 15.82 22.09
CA GLU A 290 -23.02 16.94 21.36
C GLU A 290 -22.14 17.34 20.18
N LEU A 291 -20.83 17.06 20.23
CA LEU A 291 -19.97 17.25 19.06
C LEU A 291 -20.40 16.32 17.93
N ALA A 292 -20.68 15.06 18.26
CA ALA A 292 -21.19 14.11 17.27
C ALA A 292 -22.54 14.56 16.71
N ARG A 293 -23.46 14.97 17.59
CA ARG A 293 -24.77 15.42 17.11
C ARG A 293 -24.64 16.60 16.16
N GLU A 294 -23.76 17.53 16.48
CA GLU A 294 -23.58 18.72 15.65
C GLU A 294 -23.04 18.34 14.27
N LYS A 295 -22.10 17.40 14.20
CA LYS A 295 -21.68 16.91 12.89
C LYS A 295 -22.81 16.18 12.18
N GLY A 296 -23.57 15.36 12.91
CA GLY A 296 -24.67 14.65 12.31
C GLY A 296 -25.73 15.58 11.72
N GLU A 297 -25.98 16.71 12.38
CA GLU A 297 -26.94 17.66 11.85
C GLU A 297 -26.45 18.28 10.54
N ILE A 298 -25.17 18.63 10.45
CA ILE A 298 -24.65 19.14 9.17
C ILE A 298 -24.78 18.06 8.09
N ALA A 299 -24.62 16.80 8.47
CA ALA A 299 -24.81 15.72 7.51
C ALA A 299 -26.23 15.71 6.97
N ILE A 300 -27.23 15.80 7.86
CA ILE A 300 -28.62 15.77 7.41
C ILE A 300 -28.94 16.98 6.53
N GLN A 301 -28.33 18.14 6.83
CA GLN A 301 -28.53 19.32 5.98
C GLN A 301 -28.03 19.08 4.55
N SER A 302 -26.90 18.39 4.41
CA SER A 302 -26.34 18.14 3.08
C SER A 302 -27.19 17.21 2.21
N LEU A 303 -28.14 16.48 2.81
CA LEU A 303 -29.04 15.61 2.05
C LEU A 303 -30.23 16.37 1.46
N GLN A 304 -30.50 17.60 1.90
CA GLN A 304 -31.69 18.32 1.45
C GLN A 304 -31.64 18.69 -0.02
N CYS A 305 -30.49 18.59 -0.69
CA CYS A 305 -30.49 18.79 -2.14
C CYS A 305 -31.06 17.59 -2.90
N LEU A 306 -31.34 16.43 -2.22
CA LEU A 306 -31.91 15.27 -2.89
C LEU A 306 -33.43 15.28 -2.78
N PRO A 307 -34.12 14.76 -3.79
CA PRO A 307 -35.56 14.53 -3.63
C PRO A 307 -35.84 13.61 -2.45
N ARG A 308 -37.06 13.73 -1.93
CA ARG A 308 -37.52 12.74 -0.97
C ARG A 308 -37.53 11.37 -1.62
N SER A 309 -37.07 10.38 -0.90
CA SER A 309 -36.96 9.02 -1.39
C SER A 309 -36.61 8.13 -0.22
N GLU A 310 -36.92 6.85 -0.34
CA GLU A 310 -36.58 5.94 0.74
C GLU A 310 -35.08 5.92 0.96
N PHE A 311 -34.30 6.18 -0.10
CA PHE A 311 -32.85 6.21 0.05
C PHE A 311 -32.40 7.43 0.86
N ARG A 312 -32.99 8.59 0.59
CA ARG A 312 -32.66 9.77 1.40
C ARG A 312 -33.06 9.55 2.85
N SER A 313 -34.24 8.95 3.08
CA SER A 313 -34.69 8.70 4.44
C SER A 313 -33.71 7.82 5.19
N THR A 314 -33.17 6.79 4.52
CA THR A 314 -32.20 5.90 5.19
C THR A 314 -30.88 6.62 5.44
N LEU A 315 -30.48 7.50 4.53
CA LEU A 315 -29.26 8.29 4.76
C LEU A 315 -29.42 9.17 5.99
N GLU A 316 -30.62 9.76 6.18
CA GLU A 316 -30.89 10.51 7.40
C GLU A 316 -30.94 9.60 8.62
N ASN A 317 -31.56 8.42 8.49
CA ASN A 317 -31.64 7.48 9.60
C ASN A 317 -30.26 7.01 10.05
N MET A 318 -29.31 6.89 9.13
CA MET A 318 -27.95 6.51 9.49
C MET A 318 -27.36 7.46 10.51
N VAL A 319 -27.65 8.76 10.37
CA VAL A 319 -27.17 9.74 11.35
C VAL A 319 -27.78 9.48 12.71
N LYS A 320 -29.12 9.31 12.75
CA LYS A 320 -29.82 9.05 14.01
C LYS A 320 -29.38 7.71 14.61
N TYR A 321 -29.25 6.67 13.78
CA TYR A 321 -28.78 5.39 14.28
C TYR A 321 -27.42 5.52 14.95
N ASN A 322 -26.52 6.30 14.36
CA ASN A 322 -25.19 6.43 14.95
C ASN A 322 -25.24 7.10 16.31
N LEU A 323 -26.05 8.14 16.45
CA LEU A 323 -26.06 8.86 17.72
C LEU A 323 -26.74 8.07 18.82
N GLU A 324 -27.66 7.17 18.49
CA GLU A 324 -28.30 6.29 19.46
C GLU A 324 -27.47 5.06 19.76
N ARG A 325 -26.32 4.91 19.10
CA ARG A 325 -25.70 3.62 18.96
C ARG A 325 -25.10 3.13 20.27
N ILE A 326 -25.13 1.82 20.45
CA ILE A 326 -24.51 1.12 21.58
C ILE A 326 -23.35 0.31 21.00
N ASP A 327 -23.50 -0.10 19.74
CA ASP A 327 -22.52 -0.90 19.00
C ASP A 327 -22.04 -2.10 19.80
N SER B 1 17.76 8.17 4.81
CA SER B 1 16.47 8.51 5.41
C SER B 1 15.30 7.90 4.61
N HIS B 2 14.17 7.71 5.31
CA HIS B 2 12.94 7.19 4.73
C HIS B 2 12.06 8.29 4.14
N MET B 3 12.65 9.48 3.87
CA MET B 3 11.93 10.72 3.62
C MET B 3 11.57 10.88 2.14
N SER B 4 10.29 11.13 1.86
CA SER B 4 9.91 11.50 0.50
C SER B 4 10.65 12.75 0.04
N VAL B 5 10.72 13.77 0.91
CA VAL B 5 11.32 15.04 0.47
C VAL B 5 12.80 14.86 0.17
N SER B 6 13.50 14.02 0.96
CA SER B 6 14.91 13.78 0.66
C SER B 6 15.07 12.99 -0.64
N SER B 7 14.26 11.94 -0.79
CA SER B 7 14.30 11.14 -2.02
C SER B 7 14.12 12.02 -3.26
N LEU B 8 13.10 12.89 -3.26
CA LEU B 8 12.83 13.68 -4.45
C LEU B 8 13.96 14.67 -4.73
N LEU B 9 14.58 15.20 -3.67
CA LEU B 9 15.74 16.07 -3.85
C LEU B 9 16.92 15.32 -4.47
N GLU B 10 17.20 14.11 -3.98
CA GLU B 10 18.35 13.39 -4.52
C GLU B 10 18.09 12.95 -5.96
N VAL B 11 16.85 12.58 -6.31
CA VAL B 11 16.55 12.18 -7.68
C VAL B 11 16.71 13.37 -8.63
N VAL B 12 16.24 14.55 -8.23
CA VAL B 12 16.36 15.72 -9.10
C VAL B 12 17.82 16.11 -9.28
N ALA B 13 18.64 15.96 -8.23
CA ALA B 13 20.06 16.28 -8.36
C ALA B 13 20.78 15.27 -9.24
N ASP B 14 20.45 13.99 -9.08
CA ASP B 14 21.04 12.98 -9.95
C ASP B 14 20.61 13.15 -11.40
N ASP B 15 19.35 13.53 -11.62
CA ASP B 15 18.88 13.70 -12.99
C ASP B 15 19.51 14.92 -13.65
N LEU B 16 19.78 15.98 -12.88
CA LEU B 16 20.43 17.15 -13.44
C LEU B 16 21.82 16.81 -13.95
N LEU B 17 22.62 16.09 -13.15
CA LEU B 17 23.96 15.74 -13.60
C LEU B 17 23.92 14.82 -14.82
N LYS B 18 22.95 13.90 -14.87
CA LYS B 18 22.79 13.03 -16.03
C LYS B 18 22.37 13.82 -17.27
N LEU B 19 21.43 14.74 -17.10
CA LEU B 19 20.97 15.55 -18.22
C LEU B 19 22.12 16.38 -18.79
N ASN B 20 22.88 17.05 -17.92
CA ASN B 20 23.98 17.88 -18.38
C ASN B 20 25.06 17.05 -19.05
N ASN B 21 25.30 15.82 -18.56
CA ASN B 21 26.25 14.95 -19.22
C ASN B 21 25.80 14.64 -20.63
N ASN B 22 24.52 14.28 -20.78
CA ASN B 22 24.02 13.85 -22.08
C ASN B 22 24.02 15.01 -23.07
N LEU B 23 23.81 16.23 -22.57
CA LEU B 23 23.89 17.40 -23.45
C LEU B 23 25.28 17.56 -24.04
N LYS B 24 26.32 17.24 -23.24
CA LYS B 24 27.69 17.41 -23.69
C LYS B 24 28.07 16.41 -24.76
N SER B 25 27.39 15.27 -24.80
CA SER B 25 27.65 14.20 -25.75
C SER B 25 26.61 14.16 -26.87
N LEU B 26 25.86 15.25 -27.06
CA LEU B 26 24.80 15.24 -28.07
C LEU B 26 25.32 14.67 -29.38
N VAL B 27 24.62 13.63 -29.85
CA VAL B 27 24.89 12.87 -31.08
C VAL B 27 26.27 12.22 -31.10
N GLY B 28 26.90 12.08 -29.94
CA GLY B 28 28.15 11.34 -29.84
C GLY B 28 27.93 9.83 -29.89
N GLY B 46 20.69 0.63 -5.63
CA GLY B 46 20.94 1.89 -6.31
C GLY B 46 19.67 2.72 -6.46
N LYS B 47 19.73 3.99 -6.07
CA LYS B 47 18.62 4.92 -6.27
C LYS B 47 18.70 5.65 -7.61
N ARG B 48 19.75 5.42 -8.37
CA ARG B 48 19.92 6.24 -9.61
C ARG B 48 19.43 5.52 -10.86
N LEU B 49 19.55 4.20 -10.91
CA LEU B 49 19.23 3.43 -12.13
C LEU B 49 17.82 3.71 -12.65
N ARG B 50 16.82 3.52 -11.80
CA ARG B 50 15.42 3.60 -12.25
C ARG B 50 15.06 5.02 -12.76
N PRO B 51 15.35 6.12 -12.05
CA PRO B 51 15.07 7.44 -12.66
C PRO B 51 15.88 7.69 -13.93
N ALA B 52 17.11 7.19 -13.99
CA ALA B 52 17.94 7.33 -15.18
C ALA B 52 17.30 6.65 -16.38
N LEU B 53 16.83 5.40 -16.20
CA LEU B 53 16.14 4.71 -17.28
C LEU B 53 14.90 5.47 -17.74
N VAL B 54 14.11 5.97 -16.79
CA VAL B 54 12.94 6.75 -17.17
C VAL B 54 13.36 7.98 -17.97
N PHE B 55 14.42 8.66 -17.53
CA PHE B 55 14.88 9.87 -18.20
C PHE B 55 15.36 9.57 -19.61
N LEU B 56 16.15 8.51 -19.77
CA LEU B 56 16.70 8.17 -21.08
C LEU B 56 15.60 7.75 -22.05
N VAL B 57 14.69 6.87 -21.61
CA VAL B 57 13.62 6.45 -22.50
C VAL B 57 12.70 7.64 -22.81
N SER B 58 12.46 8.51 -21.82
CA SER B 58 11.65 9.70 -22.00
C SER B 58 12.24 10.60 -23.08
N ARG B 59 13.55 10.85 -22.98
CA ARG B 59 14.24 11.68 -23.98
C ARG B 59 14.21 11.05 -25.36
N ALA B 60 14.58 9.77 -25.47
CA ALA B 60 14.58 9.12 -26.79
C ALA B 60 13.19 9.18 -27.43
N THR B 61 12.14 8.87 -26.67
CA THR B 61 10.82 8.80 -27.26
C THR B 61 10.20 10.19 -27.47
N ALA B 62 10.50 11.13 -26.59
CA ALA B 62 10.03 12.51 -26.79
C ALA B 62 10.51 13.06 -28.12
N GLU B 63 11.77 12.80 -28.46
CA GLU B 63 12.29 13.32 -29.71
C GLU B 63 11.60 12.65 -30.90
N LEU B 64 11.29 11.35 -30.78
CA LEU B 64 10.53 10.67 -31.82
C LEU B 64 9.12 11.24 -31.96
N ALA B 65 8.49 11.62 -30.85
CA ALA B 65 7.14 12.18 -30.92
C ALA B 65 7.11 13.64 -31.33
N GLY B 66 8.25 14.31 -31.45
CA GLY B 66 8.25 15.72 -31.82
C GLY B 66 8.11 16.68 -30.67
N LEU B 67 8.34 16.23 -29.44
CA LEU B 67 8.32 17.10 -28.30
C LEU B 67 9.65 17.84 -28.17
N LEU B 68 9.59 19.09 -27.76
CA LEU B 68 10.77 19.93 -27.63
C LEU B 68 11.41 19.85 -26.27
N GLU B 69 10.72 19.26 -25.29
CA GLU B 69 11.26 19.09 -23.95
C GLU B 69 10.43 18.02 -23.26
N LEU B 70 10.95 17.48 -22.15
CA LEU B 70 10.19 16.49 -21.40
C LEU B 70 8.94 17.13 -20.79
N THR B 71 7.83 16.41 -20.83
CA THR B 71 6.61 16.89 -20.20
C THR B 71 6.72 16.78 -18.69
N THR B 72 5.79 17.44 -17.99
CA THR B 72 5.74 17.27 -16.54
C THR B 72 5.45 15.83 -16.16
N GLU B 73 4.69 15.12 -17.01
CA GLU B 73 4.41 13.71 -16.76
C GLU B 73 5.69 12.87 -16.74
N HIS B 74 6.58 13.08 -17.71
CA HIS B 74 7.88 12.38 -17.73
C HIS B 74 8.67 12.67 -16.46
N GLN B 75 8.76 13.94 -16.08
CA GLN B 75 9.59 14.27 -14.91
C GLN B 75 9.02 13.63 -13.65
N ARG B 76 7.70 13.70 -13.47
CA ARG B 76 7.15 13.10 -12.24
C ARG B 76 7.23 11.58 -12.27
N LEU B 77 7.14 10.97 -13.46
CA LEU B 77 7.27 9.51 -13.60
C LEU B 77 8.57 9.00 -12.99
N ALA B 78 9.67 9.70 -13.23
CA ALA B 78 10.94 9.26 -12.68
C ALA B 78 10.93 9.28 -11.15
N GLU B 79 10.24 10.25 -10.56
CA GLU B 79 10.13 10.28 -9.11
C GLU B 79 9.18 9.22 -8.59
N ILE B 80 8.07 9.00 -9.32
CA ILE B 80 7.10 7.98 -8.94
C ILE B 80 7.74 6.60 -8.89
N ILE B 81 8.54 6.26 -9.91
CA ILE B 81 9.15 4.93 -9.99
C ILE B 81 10.11 4.69 -8.84
N GLU B 82 10.97 5.67 -8.56
CA GLU B 82 11.95 5.49 -7.51
C GLU B 82 11.30 5.46 -6.14
N MET B 83 10.22 6.22 -5.96
CA MET B 83 9.47 6.15 -4.71
C MET B 83 8.88 4.76 -4.50
N ILE B 84 8.37 4.15 -5.56
CA ILE B 84 7.85 2.78 -5.42
C ILE B 84 8.98 1.83 -5.06
N HIS B 85 10.13 1.96 -5.72
CA HIS B 85 11.26 1.08 -5.45
C HIS B 85 11.73 1.21 -4.00
N THR B 86 11.88 2.46 -3.55
CA THR B 86 12.38 2.72 -2.21
C THR B 86 11.37 2.32 -1.14
N ALA B 87 10.08 2.60 -1.38
CA ALA B 87 9.05 2.16 -0.43
C ALA B 87 9.04 0.64 -0.33
N SER B 88 9.25 -0.05 -1.46
CA SER B 88 9.28 -1.51 -1.47
C SER B 88 10.39 -2.04 -0.57
N LEU B 89 11.58 -1.45 -0.66
CA LEU B 89 12.68 -1.90 0.17
C LEU B 89 12.37 -1.65 1.64
N ILE B 90 11.82 -0.47 1.94
CA ILE B 90 11.49 -0.13 3.32
C ILE B 90 10.53 -1.16 3.90
N HIS B 91 9.47 -1.47 3.17
CA HIS B 91 8.49 -2.42 3.70
C HIS B 91 9.02 -3.85 3.73
N ASP B 92 9.79 -4.23 2.72
CA ASP B 92 10.35 -5.58 2.70
C ASP B 92 11.27 -5.81 3.90
N ASP B 93 11.94 -4.75 4.37
CA ASP B 93 12.85 -4.79 5.49
C ASP B 93 12.16 -4.93 6.84
N VAL B 94 10.83 -4.92 6.90
CA VAL B 94 10.13 -4.91 8.19
C VAL B 94 10.32 -6.26 8.87
N ILE B 95 10.47 -6.24 10.21
CA ILE B 95 10.79 -7.48 10.92
C ILE B 95 9.56 -8.39 11.03
N ASP B 96 9.81 -9.70 11.06
CA ASP B 96 8.78 -10.70 11.32
C ASP B 96 8.77 -10.98 12.82
N ASP B 97 7.76 -10.46 13.52
CA ASP B 97 7.67 -10.63 14.96
C ASP B 97 6.81 -11.82 15.38
N SER B 98 6.45 -12.71 14.46
CA SER B 98 5.46 -13.73 14.77
C SER B 98 6.00 -14.71 15.81
N GLY B 99 5.12 -15.17 16.71
CA GLY B 99 5.44 -16.16 17.70
C GLY B 99 5.77 -15.60 19.06
N MET B 100 6.25 -14.36 19.13
CA MET B 100 6.64 -13.78 20.40
C MET B 100 5.39 -13.56 21.27
N ARG B 101 5.42 -14.12 22.49
CA ARG B 101 4.29 -13.90 23.40
C ARG B 101 4.40 -12.56 24.12
N ARG B 102 5.61 -12.03 24.28
CA ARG B 102 5.84 -10.81 25.04
C ARG B 102 6.92 -9.97 24.35
N GLY B 103 6.94 -8.68 24.67
CA GLY B 103 8.02 -7.82 24.22
C GLY B 103 8.03 -7.48 22.75
N LYS B 104 6.89 -7.63 22.06
CA LYS B 104 6.82 -7.19 20.67
C LYS B 104 6.95 -5.67 20.59
N GLU B 105 6.21 -4.95 21.43
CA GLU B 105 6.34 -3.50 21.46
C GLU B 105 7.78 -3.08 21.76
N THR B 106 8.52 -3.90 22.49
CA THR B 106 9.92 -3.58 22.73
C THR B 106 10.77 -3.77 21.48
N ILE B 107 10.61 -4.91 20.78
CA ILE B 107 11.43 -5.15 19.60
C ILE B 107 11.09 -4.17 18.49
N HIS B 108 9.83 -3.73 18.41
CA HIS B 108 9.47 -2.73 17.41
C HIS B 108 10.07 -1.37 17.74
N GLN B 109 10.10 -1.02 19.04
CA GLN B 109 10.80 0.20 19.45
C GLN B 109 12.29 0.12 19.12
N LEU B 110 12.90 -1.03 19.39
CA LEU B 110 14.33 -1.20 19.18
C LEU B 110 14.71 -1.07 17.71
N TYR B 111 13.81 -1.43 16.80
CA TYR B 111 14.12 -1.44 15.38
C TYR B 111 13.30 -0.41 14.58
N GLY B 112 12.57 0.46 15.26
CA GLY B 112 11.86 1.54 14.55
C GLY B 112 10.84 1.01 13.57
N THR B 113 10.10 -0.02 13.97
CA THR B 113 9.16 -0.65 13.05
C THR B 113 8.06 0.32 12.65
N ARG B 114 7.47 1.01 13.62
CA ARG B 114 6.37 1.91 13.29
C ARG B 114 6.80 2.97 12.30
N VAL B 115 8.02 3.50 12.45
CA VAL B 115 8.51 4.54 11.54
C VAL B 115 8.67 4.00 10.12
N ALA B 116 9.20 2.77 10.00
CA ALA B 116 9.37 2.16 8.67
C ALA B 116 8.02 1.88 8.01
N VAL B 117 7.05 1.39 8.77
CA VAL B 117 5.75 1.12 8.17
C VAL B 117 5.11 2.42 7.68
N LEU B 118 5.13 3.46 8.52
CA LEU B 118 4.50 4.73 8.16
C LEU B 118 5.22 5.41 7.01
N ALA B 119 6.55 5.36 7.02
CA ALA B 119 7.31 6.00 5.94
C ALA B 119 7.06 5.30 4.61
N GLY B 120 7.04 3.97 4.64
CA GLY B 120 6.72 3.21 3.44
C GLY B 120 5.31 3.45 2.93
N ASP B 121 4.34 3.43 3.85
CA ASP B 121 2.95 3.73 3.49
C ASP B 121 2.86 5.11 2.85
N PHE B 122 3.47 6.12 3.46
CA PHE B 122 3.36 7.46 2.91
C PHE B 122 4.02 7.57 1.56
N MET B 123 5.17 6.91 1.39
CA MET B 123 5.88 6.99 0.12
C MET B 123 5.10 6.28 -1.00
N PHE B 124 4.54 5.11 -0.71
CA PHE B 124 3.63 4.47 -1.66
C PHE B 124 2.46 5.39 -2.00
N ALA B 125 1.83 5.97 -0.97
CA ALA B 125 0.64 6.79 -1.21
C ALA B 125 0.96 8.04 -2.01
N GLN B 126 2.10 8.68 -1.70
CA GLN B 126 2.49 9.89 -2.41
C GLN B 126 2.77 9.59 -3.87
N SER B 127 3.41 8.44 -4.13
CA SER B 127 3.65 7.94 -5.48
C SER B 127 2.35 7.74 -6.25
N SER B 128 1.36 7.09 -5.61
CA SER B 128 0.11 6.81 -6.29
C SER B 128 -0.71 8.06 -6.51
N TRP B 129 -0.60 9.01 -5.58
CA TRP B 129 -1.26 10.30 -5.72
C TRP B 129 -0.66 11.11 -6.86
N PHE B 130 0.67 11.13 -6.96
CA PHE B 130 1.34 11.74 -8.11
C PHE B 130 0.84 11.14 -9.42
N LEU B 131 0.81 9.82 -9.47
CA LEU B 131 0.46 9.11 -10.70
C LEU B 131 -0.99 9.36 -11.09
N ALA B 132 -1.90 9.31 -10.11
CA ALA B 132 -3.29 9.58 -10.41
C ALA B 132 -3.45 10.98 -11.00
N ASN B 133 -2.69 11.95 -10.48
CA ASN B 133 -2.80 13.32 -10.96
C ASN B 133 -2.08 13.56 -12.28
N LEU B 134 -1.39 12.55 -12.82
CA LEU B 134 -0.93 12.62 -14.21
C LEU B 134 -2.02 12.23 -15.19
N GLU B 135 -3.07 11.55 -14.73
CA GLU B 135 -4.36 11.35 -15.40
C GLU B 135 -4.27 10.36 -16.57
N ASN B 136 -3.21 9.58 -16.68
CA ASN B 136 -3.15 8.53 -17.67
C ASN B 136 -3.57 7.22 -17.02
N ILE B 137 -4.76 6.74 -17.38
CA ILE B 137 -5.30 5.54 -16.76
C ILE B 137 -4.52 4.27 -17.12
N GLU B 138 -3.97 4.19 -18.35
CA GLU B 138 -3.17 3.04 -18.74
C GLU B 138 -1.97 2.86 -17.83
N VAL B 139 -1.28 3.95 -17.53
CA VAL B 139 -0.11 3.89 -16.67
C VAL B 139 -0.53 3.55 -15.24
N ILE B 140 -1.65 4.12 -14.76
CA ILE B 140 -2.12 3.79 -13.41
C ILE B 140 -2.41 2.31 -13.29
N LYS B 141 -3.03 1.71 -14.32
CA LYS B 141 -3.30 0.27 -14.30
C LYS B 141 -2.00 -0.51 -14.25
N LEU B 142 -1.06 -0.13 -15.12
CA LEU B 142 0.22 -0.82 -15.22
C LEU B 142 0.99 -0.79 -13.92
N ILE B 143 1.05 0.37 -13.26
CA ILE B 143 1.88 0.51 -12.07
C ILE B 143 1.22 -0.12 -10.85
N SER B 144 -0.10 0.03 -10.72
CA SER B 144 -0.83 -0.64 -9.65
C SER B 144 -0.60 -2.14 -9.70
N GLN B 145 -0.58 -2.72 -10.90
CA GLN B 145 -0.33 -4.16 -11.04
C GLN B 145 1.08 -4.53 -10.56
N VAL B 146 2.09 -3.70 -10.88
CA VAL B 146 3.44 -3.96 -10.38
C VAL B 146 3.44 -4.04 -8.85
N ILE B 147 2.72 -3.15 -8.18
CA ILE B 147 2.77 -3.11 -6.69
C ILE B 147 2.07 -4.34 -6.14
N LYS B 148 0.92 -4.68 -6.67
CA LYS B 148 0.18 -5.89 -6.23
C LYS B 148 1.09 -7.10 -6.34
N ASP B 149 1.72 -7.26 -7.50
CA ASP B 149 2.56 -8.45 -7.77
C ASP B 149 3.77 -8.45 -6.84
N PHE B 150 4.31 -7.28 -6.56
CA PHE B 150 5.42 -7.22 -5.63
C PHE B 150 5.01 -7.70 -4.25
N ALA B 151 3.94 -7.10 -3.69
CA ALA B 151 3.51 -7.46 -2.34
C ALA B 151 3.12 -8.93 -2.26
N SER B 152 2.33 -9.41 -3.23
CA SER B 152 1.92 -10.81 -3.24
C SER B 152 3.13 -11.73 -3.37
N GLY B 153 4.05 -11.40 -4.28
CA GLY B 153 5.27 -12.18 -4.40
C GLY B 153 6.08 -12.19 -3.12
N GLU B 154 6.20 -11.03 -2.46
CA GLU B 154 7.02 -10.98 -1.24
C GLU B 154 6.36 -11.75 -0.10
N ILE B 155 5.03 -11.85 -0.09
CA ILE B 155 4.38 -12.65 0.94
C ILE B 155 4.76 -14.13 0.82
N LYS B 156 4.83 -14.64 -0.41
CA LYS B 156 5.13 -16.05 -0.65
C LYS B 156 6.62 -16.39 -0.57
N GLN B 157 7.50 -15.41 -0.40
CA GLN B 157 8.91 -15.69 -0.64
C GLN B 157 9.48 -16.63 0.42
N ALA B 158 9.06 -16.47 1.68
CA ALA B 158 9.58 -17.35 2.73
C ALA B 158 9.27 -18.81 2.44
N SER B 159 8.13 -19.08 1.80
CA SER B 159 7.70 -20.44 1.54
C SER B 159 8.47 -21.12 0.42
N THR B 160 9.31 -20.39 -0.31
CA THR B 160 10.08 -20.98 -1.40
C THR B 160 11.56 -21.13 -1.07
N LEU B 161 12.00 -20.71 0.12
CA LEU B 161 13.38 -20.92 0.52
C LEU B 161 13.70 -22.42 0.62
N PHE B 162 14.93 -22.78 0.24
CA PHE B 162 15.43 -24.15 0.30
C PHE B 162 14.61 -25.13 -0.54
N ASP B 163 13.94 -24.66 -1.58
CA ASP B 163 13.16 -25.53 -2.45
C ASP B 163 13.93 -25.75 -3.75
N CYS B 164 14.52 -26.95 -3.91
CA CYS B 164 15.26 -27.27 -5.12
C CYS B 164 14.37 -27.70 -6.27
N ASP B 165 13.06 -27.77 -6.06
CA ASP B 165 12.13 -28.03 -7.16
C ASP B 165 11.86 -26.78 -7.99
N ILE B 166 12.44 -25.64 -7.62
CA ILE B 166 12.27 -24.42 -8.41
C ILE B 166 12.85 -24.62 -9.80
N THR B 167 12.10 -24.18 -10.81
CA THR B 167 12.59 -24.23 -12.17
C THR B 167 13.19 -22.90 -12.58
N LEU B 168 13.85 -22.89 -13.74
CA LEU B 168 14.42 -21.66 -14.25
C LEU B 168 13.34 -20.66 -14.66
N ASP B 169 12.25 -21.15 -15.26
CA ASP B 169 11.15 -20.26 -15.62
C ASP B 169 10.48 -19.68 -14.38
N ASP B 170 10.41 -20.47 -13.31
CA ASP B 170 9.83 -19.97 -12.07
C ASP B 170 10.75 -18.95 -11.40
N TYR B 171 12.06 -19.13 -11.55
CA TYR B 171 13.01 -18.15 -11.03
C TYR B 171 12.93 -16.83 -11.80
N LEU B 172 12.77 -16.90 -13.11
CA LEU B 172 12.67 -15.68 -13.91
C LEU B 172 11.38 -14.93 -13.62
N LEU B 173 10.30 -15.67 -13.42
CA LEU B 173 9.03 -15.03 -13.07
C LEU B 173 9.13 -14.34 -11.72
N LYS B 174 9.70 -15.03 -10.74
CA LYS B 174 9.95 -14.43 -9.43
C LYS B 174 10.80 -13.18 -9.55
N SER B 175 11.81 -13.20 -10.43
CA SER B 175 12.68 -12.04 -10.61
C SER B 175 11.96 -10.93 -11.37
N TYR B 176 11.00 -11.30 -12.21
CA TYR B 176 10.15 -10.31 -12.86
C TYR B 176 9.34 -9.53 -11.83
N TYR B 177 8.53 -10.24 -11.04
CA TYR B 177 7.72 -9.57 -10.02
C TYR B 177 8.59 -8.79 -9.04
N LYS B 178 9.78 -9.33 -8.73
CA LYS B 178 10.66 -8.69 -7.75
C LYS B 178 11.27 -7.39 -8.29
N THR B 179 11.78 -7.42 -9.52
CA THR B 179 12.65 -6.38 -10.04
C THR B 179 12.26 -5.91 -11.44
N ALA B 180 12.17 -6.85 -12.38
CA ALA B 180 12.08 -6.44 -13.78
C ALA B 180 10.73 -5.82 -14.10
N SER B 181 9.67 -6.21 -13.40
CA SER B 181 8.35 -5.69 -13.75
C SER B 181 8.25 -4.18 -13.54
N LEU B 182 8.77 -3.68 -12.41
CA LEU B 182 8.74 -2.23 -12.20
C LEU B 182 9.56 -1.52 -13.27
N ILE B 183 10.72 -2.06 -13.63
CA ILE B 183 11.55 -1.41 -14.64
C ILE B 183 10.87 -1.42 -16.01
N ALA B 184 10.20 -2.53 -16.34
CA ALA B 184 9.50 -2.58 -17.62
C ALA B 184 8.31 -1.63 -17.63
N ALA B 185 7.54 -1.59 -16.54
CA ALA B 185 6.43 -0.65 -16.50
C ALA B 185 6.92 0.79 -16.62
N SER B 186 8.11 1.09 -16.08
CA SER B 186 8.62 2.45 -16.09
C SER B 186 9.05 2.88 -17.50
N THR B 187 9.62 1.96 -18.29
CA THR B 187 10.07 2.34 -19.63
C THR B 187 8.91 2.37 -20.60
N ARG B 188 7.93 1.47 -20.44
CA ARG B 188 6.71 1.59 -21.22
C ARG B 188 5.97 2.90 -20.93
N SER B 189 5.87 3.26 -19.65
CA SER B 189 5.14 4.46 -19.27
C SER B 189 5.82 5.71 -19.79
N ALA B 190 7.15 5.74 -19.77
CA ALA B 190 7.86 6.88 -20.33
C ALA B 190 7.50 7.07 -21.80
N ALA B 191 7.43 5.96 -22.56
CA ALA B 191 7.01 6.01 -23.96
C ALA B 191 5.55 6.42 -24.09
N ILE B 192 4.68 5.90 -23.22
CA ILE B 192 3.28 6.26 -23.27
C ILE B 192 3.09 7.77 -23.09
N PHE B 193 3.83 8.37 -22.15
CA PHE B 193 3.71 9.81 -21.91
C PHE B 193 4.28 10.65 -23.04
N SER B 194 5.13 10.06 -23.86
CA SER B 194 5.64 10.73 -25.05
C SER B 194 4.65 10.63 -26.20
N GLY B 195 3.69 9.71 -26.13
CA GLY B 195 2.72 9.56 -27.19
C GLY B 195 3.20 8.89 -28.44
N VAL B 196 4.26 8.08 -28.37
CA VAL B 196 4.70 7.30 -29.53
C VAL B 196 3.73 6.14 -29.74
N SER B 197 3.91 5.39 -30.82
CA SER B 197 2.97 4.35 -31.18
C SER B 197 2.95 3.23 -30.14
N THR B 198 1.88 2.44 -30.17
CA THR B 198 1.79 1.29 -29.28
C THR B 198 2.93 0.33 -29.53
N ALA B 199 3.32 0.14 -30.80
CA ALA B 199 4.43 -0.75 -31.12
C ALA B 199 5.72 -0.31 -30.42
N ILE B 200 5.99 0.99 -30.37
CA ILE B 200 7.21 1.45 -29.73
C ILE B 200 7.11 1.33 -28.21
N CYS B 201 5.92 1.58 -27.63
CA CYS B 201 5.73 1.41 -26.20
C CYS B 201 5.97 -0.04 -25.79
N GLU B 202 5.52 -0.99 -26.61
CA GLU B 202 5.78 -2.40 -26.33
C GLU B 202 7.26 -2.72 -26.36
N GLN B 203 7.99 -2.14 -27.31
CA GLN B 203 9.43 -2.38 -27.38
C GLN B 203 10.15 -1.80 -26.18
N MET B 204 9.74 -0.59 -25.73
CA MET B 204 10.34 -0.03 -24.52
C MET B 204 10.01 -0.87 -23.30
N TYR B 205 8.81 -1.44 -23.27
CA TYR B 205 8.48 -2.38 -22.20
C TYR B 205 9.46 -3.55 -22.20
N GLU B 206 9.69 -4.14 -23.38
CA GLU B 206 10.58 -5.28 -23.47
C GLU B 206 12.02 -4.89 -23.17
N TYR B 207 12.46 -3.69 -23.56
CA TYR B 207 13.77 -3.22 -23.10
C TYR B 207 13.87 -3.27 -21.58
N GLY B 208 12.91 -2.65 -20.90
CA GLY B 208 12.96 -2.61 -19.44
C GLY B 208 12.88 -3.98 -18.81
N ARG B 209 11.96 -4.82 -19.30
CA ARG B 209 11.83 -6.17 -18.74
C ARG B 209 13.12 -6.97 -18.88
N ASN B 210 13.74 -6.93 -20.05
CA ASN B 210 14.90 -7.77 -20.27
C ASN B 210 16.15 -7.17 -19.65
N LEU B 211 16.26 -5.83 -19.61
CA LEU B 211 17.32 -5.25 -18.81
C LEU B 211 17.16 -5.63 -17.34
N GLY B 212 15.93 -5.56 -16.82
CA GLY B 212 15.73 -5.89 -15.42
C GLY B 212 16.12 -7.32 -15.08
N LEU B 213 15.74 -8.27 -15.93
CA LEU B 213 16.13 -9.66 -15.72
C LEU B 213 17.65 -9.83 -15.84
N SER B 214 18.27 -9.22 -16.85
CA SER B 214 19.73 -9.26 -16.94
C SER B 214 20.37 -8.71 -15.66
N PHE B 215 19.88 -7.55 -15.21
CA PHE B 215 20.35 -6.91 -13.98
C PHE B 215 20.22 -7.85 -12.77
N GLN B 216 19.07 -8.51 -12.66
CA GLN B 216 18.85 -9.39 -11.50
C GLN B 216 19.74 -10.64 -11.59
N VAL B 217 19.87 -11.24 -12.78
CA VAL B 217 20.72 -12.43 -12.90
C VAL B 217 22.16 -12.09 -12.56
N VAL B 218 22.65 -10.94 -13.05
CA VAL B 218 24.01 -10.49 -12.74
C VAL B 218 24.16 -10.27 -11.22
N ASP B 219 23.19 -9.61 -10.59
CA ASP B 219 23.22 -9.44 -9.13
C ASP B 219 23.26 -10.79 -8.41
N ASP B 220 22.57 -11.78 -8.95
CA ASP B 220 22.58 -13.09 -8.34
C ASP B 220 23.92 -13.78 -8.55
N ILE B 221 24.50 -13.65 -9.75
CA ILE B 221 25.83 -14.20 -9.99
C ILE B 221 26.84 -13.55 -9.04
N LEU B 222 26.77 -12.22 -8.90
CA LEU B 222 27.73 -11.51 -8.04
C LEU B 222 27.59 -11.92 -6.58
N ASP B 223 26.35 -12.09 -6.11
CA ASP B 223 26.17 -12.55 -4.74
C ASP B 223 26.85 -13.89 -4.52
N PHE B 224 26.79 -14.77 -5.52
CA PHE B 224 27.42 -16.07 -5.36
C PHE B 224 28.95 -15.95 -5.40
N THR B 225 29.50 -15.29 -6.41
CA THR B 225 30.95 -15.33 -6.59
C THR B 225 31.67 -14.54 -5.49
N GLN B 226 31.06 -13.45 -5.01
CA GLN B 226 31.59 -12.75 -3.84
C GLN B 226 31.52 -13.64 -2.60
N SER B 227 30.39 -14.33 -2.42
CA SER B 227 30.24 -15.32 -1.35
C SER B 227 31.39 -16.32 -1.32
N ALA B 228 31.83 -16.80 -2.49
CA ALA B 228 32.82 -17.85 -2.59
C ALA B 228 34.26 -17.37 -2.38
N GLU B 229 34.46 -16.08 -2.07
CA GLU B 229 35.81 -15.55 -1.89
C GLU B 229 36.02 -14.86 -0.55
N GLN B 230 34.95 -14.45 0.14
CA GLN B 230 35.10 -13.87 1.46
C GLN B 230 35.76 -14.88 2.41
N LEU B 231 36.34 -14.35 3.49
CA LEU B 231 37.13 -15.18 4.38
C LEU B 231 36.30 -15.81 5.50
N GLY B 232 35.23 -15.15 5.94
CA GLY B 232 34.33 -15.75 6.90
C GLY B 232 33.39 -16.75 6.26
N LYS B 233 32.51 -17.30 7.09
CA LYS B 233 31.47 -18.19 6.57
C LYS B 233 30.43 -17.37 5.82
N PRO B 234 30.17 -17.68 4.54
CA PRO B 234 29.23 -16.86 3.76
C PRO B 234 27.79 -16.93 4.26
N ALA B 235 27.57 -16.46 5.50
CA ALA B 235 26.30 -16.75 6.18
C ALA B 235 25.15 -15.94 5.60
N GLY B 236 25.42 -14.78 5.02
CA GLY B 236 24.35 -13.94 4.52
C GLY B 236 24.14 -14.02 3.02
N SER B 237 24.68 -15.05 2.37
CA SER B 237 24.53 -15.17 0.94
C SER B 237 23.14 -15.69 0.60
N ASP B 238 22.77 -15.52 -0.68
CA ASP B 238 21.49 -16.06 -1.14
C ASP B 238 21.41 -17.55 -0.87
N LEU B 239 22.43 -18.30 -1.30
CA LEU B 239 22.44 -19.74 -1.15
C LEU B 239 22.28 -20.14 0.32
N ALA B 240 22.97 -19.44 1.21
CA ALA B 240 22.93 -19.80 2.63
C ALA B 240 21.53 -19.68 3.20
N LYS B 241 20.78 -18.65 2.79
CA LYS B 241 19.43 -18.45 3.33
C LYS B 241 18.40 -19.30 2.62
N GLY B 242 18.79 -20.08 1.62
CA GLY B 242 17.86 -20.88 0.85
C GLY B 242 17.25 -20.18 -0.35
N ASN B 243 17.78 -19.04 -0.75
CA ASN B 243 17.26 -18.30 -1.90
C ASN B 243 18.05 -18.76 -3.12
N LEU B 244 17.48 -19.68 -3.87
CA LEU B 244 18.18 -20.39 -4.93
C LEU B 244 18.05 -19.60 -6.23
N THR B 245 19.19 -19.16 -6.77
CA THR B 245 19.22 -18.31 -7.96
C THR B 245 19.84 -19.04 -9.14
N ALA B 246 19.89 -18.34 -10.28
CA ALA B 246 20.33 -18.89 -11.57
C ALA B 246 21.55 -19.81 -11.50
N PRO B 247 22.68 -19.43 -10.88
CA PRO B 247 23.82 -20.37 -10.88
C PRO B 247 23.50 -21.68 -10.17
N VAL B 248 22.76 -21.59 -9.06
CA VAL B 248 22.40 -22.77 -8.29
C VAL B 248 21.41 -23.64 -9.05
N ILE B 249 20.38 -23.04 -9.62
CA ILE B 249 19.36 -23.81 -10.34
C ILE B 249 20.00 -24.57 -11.48
N PHE B 250 20.88 -23.91 -12.23
CA PHE B 250 21.61 -24.59 -13.27
C PHE B 250 22.44 -25.73 -12.70
N ALA B 251 23.07 -25.50 -11.55
CA ALA B 251 23.90 -26.53 -10.93
C ALA B 251 23.06 -27.71 -10.49
N LEU B 252 21.86 -27.47 -9.98
CA LEU B 252 21.05 -28.56 -9.45
C LEU B 252 20.68 -29.58 -10.52
N GLN B 253 20.68 -29.17 -11.79
CA GLN B 253 20.45 -30.12 -12.87
C GLN B 253 21.54 -31.17 -12.95
N ASP B 254 22.74 -30.88 -12.44
CA ASP B 254 23.88 -31.77 -12.59
C ASP B 254 24.42 -32.36 -11.30
N GLU B 255 23.94 -31.93 -10.14
CA GLU B 255 24.64 -32.16 -8.87
C GLU B 255 23.69 -32.73 -7.82
N PRO B 256 23.56 -34.06 -7.76
CA PRO B 256 22.63 -34.66 -6.78
C PRO B 256 23.01 -34.41 -5.34
N GLN B 257 24.31 -34.32 -5.03
CA GLN B 257 24.73 -34.03 -3.67
C GLN B 257 24.46 -32.57 -3.29
N LEU B 258 24.53 -31.66 -4.26
CA LEU B 258 24.13 -30.27 -3.99
C LEU B 258 22.69 -30.22 -3.48
N ARG B 259 21.77 -30.92 -4.17
CA ARG B 259 20.37 -30.92 -3.75
C ARG B 259 20.20 -31.44 -2.34
N GLU B 260 20.81 -32.59 -2.03
CA GLU B 260 20.68 -33.14 -0.69
C GLU B 260 21.19 -32.17 0.35
N ILE B 261 22.31 -31.51 0.05
CA ILE B 261 22.88 -30.57 1.00
C ILE B 261 21.94 -29.39 1.26
N ILE B 262 21.32 -28.85 0.21
CA ILE B 262 20.39 -27.73 0.38
C ILE B 262 19.16 -28.17 1.20
N ASP B 263 18.56 -29.30 0.82
CA ASP B 263 17.43 -29.83 1.58
C ASP B 263 17.76 -30.00 3.05
N SER B 264 19.02 -30.25 3.37
CA SER B 264 19.42 -30.34 4.75
C SER B 264 19.56 -28.97 5.42
N GLU B 265 19.37 -27.89 4.66
CA GLU B 265 19.59 -26.53 5.16
C GLU B 265 21.01 -26.38 5.69
N PHE B 266 21.95 -27.02 5.00
CA PHE B 266 23.36 -27.00 5.37
C PHE B 266 23.55 -27.39 6.84
N SER B 267 22.84 -28.43 7.25
CA SER B 267 22.90 -28.89 8.64
C SER B 267 24.32 -29.27 9.04
N GLU B 268 25.01 -30.03 8.20
CA GLU B 268 26.31 -30.56 8.58
C GLU B 268 27.37 -29.47 8.51
N THR B 269 28.28 -29.47 9.50
CA THR B 269 29.37 -28.51 9.56
C THR B 269 30.12 -28.47 8.24
N ASN B 270 30.31 -27.26 7.72
CA ASN B 270 31.03 -26.96 6.49
C ASN B 270 30.29 -27.39 5.23
N SER B 271 29.05 -27.87 5.32
CA SER B 271 28.34 -28.25 4.10
C SER B 271 28.08 -27.05 3.20
N LEU B 272 27.90 -25.86 3.78
CA LEU B 272 27.70 -24.69 2.93
C LEU B 272 28.90 -24.49 2.01
N ALA B 273 30.12 -24.68 2.53
CA ALA B 273 31.30 -24.53 1.70
C ALA B 273 31.32 -25.55 0.58
N THR B 274 30.94 -26.79 0.90
CA THR B 274 30.85 -27.82 -0.12
C THR B 274 29.86 -27.44 -1.21
N ALA B 275 28.65 -27.05 -0.80
CA ALA B 275 27.63 -26.61 -1.75
C ALA B 275 28.18 -25.53 -2.69
N ILE B 276 28.90 -24.56 -2.14
CA ILE B 276 29.46 -23.48 -2.95
C ILE B 276 30.44 -24.04 -3.97
N GLU B 277 31.28 -25.00 -3.56
CA GLU B 277 32.25 -25.54 -4.49
C GLU B 277 31.62 -26.43 -5.54
N LEU B 278 30.55 -27.15 -5.18
CA LEU B 278 29.79 -27.90 -6.19
C LEU B 278 29.21 -26.96 -7.25
N VAL B 279 28.69 -25.81 -6.82
CA VAL B 279 28.14 -24.86 -7.78
C VAL B 279 29.23 -24.36 -8.70
N HIS B 280 30.34 -23.88 -8.14
CA HIS B 280 31.44 -23.47 -9.00
C HIS B 280 31.90 -24.61 -9.91
N ARG B 281 31.84 -25.84 -9.41
CA ARG B 281 32.26 -27.01 -10.18
C ARG B 281 31.40 -27.17 -11.45
N SER B 282 30.09 -26.94 -11.33
CA SER B 282 29.10 -27.41 -12.30
C SER B 282 29.04 -26.59 -13.58
N GLY B 283 29.75 -25.48 -13.69
CA GLY B 283 29.56 -24.58 -14.82
C GLY B 283 28.24 -23.83 -14.83
N GLY B 284 27.40 -23.98 -13.81
CA GLY B 284 26.17 -23.21 -13.75
C GLY B 284 26.40 -21.72 -13.66
N ILE B 285 27.55 -21.30 -13.13
CA ILE B 285 27.91 -19.89 -13.17
C ILE B 285 28.04 -19.44 -14.63
N LYS B 286 28.70 -20.24 -15.46
CA LYS B 286 28.84 -19.89 -16.87
C LYS B 286 27.49 -19.89 -17.57
N ARG B 287 26.61 -20.82 -17.22
CA ARG B 287 25.30 -20.83 -17.84
C ARG B 287 24.44 -19.66 -17.35
N ALA B 288 24.66 -19.19 -16.12
CA ALA B 288 23.99 -17.96 -15.67
C ALA B 288 24.54 -16.74 -16.41
N HIS B 289 25.86 -16.68 -16.63
CA HIS B 289 26.43 -15.64 -17.50
C HIS B 289 25.68 -15.59 -18.82
N GLU B 290 25.53 -16.75 -19.48
CA GLU B 290 24.87 -16.80 -20.78
C GLU B 290 23.44 -16.29 -20.68
N LEU B 291 22.72 -16.73 -19.65
CA LEU B 291 21.34 -16.28 -19.45
C LEU B 291 21.27 -14.76 -19.30
N ALA B 292 22.19 -14.17 -18.53
CA ALA B 292 22.17 -12.70 -18.37
C ALA B 292 22.56 -12.02 -19.68
N ARG B 293 23.51 -12.63 -20.40
CA ARG B 293 23.89 -12.11 -21.71
C ARG B 293 22.74 -12.21 -22.69
N GLU B 294 21.97 -13.31 -22.64
CA GLU B 294 20.88 -13.49 -23.59
C GLU B 294 19.76 -12.48 -23.35
N LYS B 295 19.41 -12.24 -22.09
CA LYS B 295 18.42 -11.21 -21.78
C LYS B 295 18.92 -9.83 -22.20
N GLY B 296 20.20 -9.56 -22.00
CA GLY B 296 20.75 -8.28 -22.40
C GLY B 296 20.63 -8.04 -23.89
N GLU B 297 20.88 -9.07 -24.69
CA GLU B 297 20.82 -8.91 -26.13
C GLU B 297 19.39 -8.72 -26.60
N ILE B 298 18.42 -9.32 -25.91
CA ILE B 298 17.02 -9.02 -26.17
C ILE B 298 16.72 -7.55 -25.85
N ALA B 299 17.24 -7.05 -24.73
CA ALA B 299 17.07 -5.63 -24.40
C ALA B 299 17.65 -4.73 -25.49
N ILE B 300 18.87 -5.03 -25.95
CA ILE B 300 19.48 -4.19 -27.00
C ILE B 300 18.68 -4.24 -28.29
N GLN B 301 18.22 -5.44 -28.68
CA GLN B 301 17.39 -5.55 -29.88
C GLN B 301 16.11 -4.75 -29.74
N SER B 302 15.61 -4.58 -28.51
CA SER B 302 14.39 -3.81 -28.25
C SER B 302 14.55 -2.34 -28.58
N LEU B 303 15.77 -1.83 -28.54
CA LEU B 303 16.03 -0.42 -28.79
C LEU B 303 16.13 -0.07 -30.27
N GLN B 304 16.15 -1.05 -31.16
CA GLN B 304 16.45 -0.66 -32.53
C GLN B 304 15.23 -0.09 -33.26
N CYS B 305 14.04 -0.10 -32.66
CA CYS B 305 12.96 0.73 -33.19
C CYS B 305 13.20 2.23 -32.98
N LEU B 306 14.22 2.61 -32.22
CA LEU B 306 14.54 4.02 -32.01
C LEU B 306 15.62 4.46 -32.98
N PRO B 307 15.60 5.71 -33.43
CA PRO B 307 16.71 6.21 -34.26
C PRO B 307 17.97 6.35 -33.43
N ARG B 308 19.10 6.51 -34.12
CA ARG B 308 20.36 6.75 -33.43
C ARG B 308 20.29 8.05 -32.65
N SER B 309 20.71 7.99 -31.39
CA SER B 309 20.74 9.16 -30.53
C SER B 309 21.67 8.85 -29.38
N GLU B 310 22.14 9.91 -28.72
CA GLU B 310 22.93 9.71 -27.51
C GLU B 310 22.14 8.93 -26.46
N PHE B 311 20.81 9.03 -26.49
CA PHE B 311 19.98 8.36 -25.51
C PHE B 311 19.88 6.88 -25.78
N ARG B 312 19.72 6.51 -27.05
CA ARG B 312 19.72 5.09 -27.38
C ARG B 312 21.07 4.46 -27.06
N SER B 313 22.16 5.17 -27.39
CA SER B 313 23.50 4.61 -27.13
C SER B 313 23.76 4.43 -25.63
N THR B 314 23.20 5.29 -24.78
CA THR B 314 23.33 5.10 -23.35
C THR B 314 22.48 3.92 -22.88
N LEU B 315 21.26 3.78 -23.40
CA LEU B 315 20.44 2.64 -23.03
C LEU B 315 21.09 1.32 -23.43
N GLU B 316 21.73 1.28 -24.61
CA GLU B 316 22.49 0.10 -25.01
C GLU B 316 23.66 -0.14 -24.07
N ASN B 317 24.34 0.94 -23.66
CA ASN B 317 25.52 0.82 -22.81
C ASN B 317 25.17 0.38 -21.39
N MET B 318 23.97 0.73 -20.89
CA MET B 318 23.55 0.22 -19.60
C MET B 318 23.57 -1.31 -19.56
N VAL B 319 23.17 -1.94 -20.67
CA VAL B 319 23.20 -3.39 -20.74
C VAL B 319 24.62 -3.89 -20.70
N LYS B 320 25.49 -3.32 -21.54
CA LYS B 320 26.88 -3.78 -21.60
C LYS B 320 27.60 -3.52 -20.29
N TYR B 321 27.35 -2.37 -19.66
CA TYR B 321 28.01 -2.08 -18.40
C TYR B 321 27.52 -2.99 -17.28
N ASN B 322 26.26 -3.40 -17.33
CA ASN B 322 25.77 -4.39 -16.36
C ASN B 322 26.49 -5.72 -16.55
N LEU B 323 26.59 -6.18 -17.80
CA LEU B 323 27.21 -7.45 -18.09
C LEU B 323 28.71 -7.43 -17.80
N GLU B 324 29.37 -6.29 -18.00
CA GLU B 324 30.78 -6.16 -17.65
C GLU B 324 31.02 -6.25 -16.15
N ARG B 325 29.97 -6.18 -15.32
CA ARG B 325 30.12 -6.30 -13.87
C ARG B 325 30.59 -7.69 -13.43
N ILE B 326 30.50 -8.69 -14.31
CA ILE B 326 30.89 -10.06 -14.00
C ILE B 326 31.91 -10.53 -15.03
N ASP B 327 32.36 -9.61 -15.89
CA ASP B 327 33.32 -9.95 -16.94
C ASP B 327 34.73 -10.07 -16.37
#